data_5T52
#
_entry.id   5T52
#
_cell.length_a   45.890
_cell.length_b   58.949
_cell.length_c   187.305
_cell.angle_alpha   90.000
_cell.angle_beta   90.000
_cell.angle_gamma   90.000
#
_symmetry.space_group_name_H-M   'P 21 21 21'
#
loop_
_entity.id
_entity.type
_entity.pdbx_description
1 polymer Lectin
2 non-polymer 'CALCIUM ION'
3 non-polymer 2-acetamido-2-deoxy-beta-D-galactopyranose
4 non-polymer 1,2-ETHANEDIOL
5 non-polymer 2-acetamido-2-deoxy-alpha-D-galactopyranose
6 water water
#
_entity_poly.entity_id   1
_entity_poly.type   'polypeptide(L)'
_entity_poly.pdbx_seq_one_letter_code
;SELSFNYPNFQSVEDITFQGGASPRNETLQLTPTDSNGIPIRQRAGHAVYSQPFQLRDTSFYTTFTFVIRTTSNSPADGF
AIFIAPPDFPVKRYGGYLGLFEPNTATNTSANKVVAVEFDTWVNTEWKEPRYRHIGIDVNSIVSVRVTRWQDKDVFSRSI
ATAHVGYDGISKILTAFVTYPDGGNYVLSHVVDLAEIFPGDVRIGFSGATGQYETQYIHSWSFSSTSTNLLRDGARHHHH
HH
;
_entity_poly.pdbx_strand_id   A,B
#
loop_
_chem_comp.id
_chem_comp.type
_chem_comp.name
_chem_comp.formula
A2G D-saccharide, alpha linking 2-acetamido-2-deoxy-alpha-D-galactopyranose 'C8 H15 N O6'
CA non-polymer 'CALCIUM ION' 'Ca 2'
EDO non-polymer 1,2-ETHANEDIOL 'C2 H6 O2'
NGA D-saccharide, beta linking 2-acetamido-2-deoxy-beta-D-galactopyranose 'C8 H15 N O6'
#
# COMPACT_ATOMS: atom_id res chain seq x y z
N SER A 1 5.05 18.91 -5.27
CA SER A 1 5.04 19.86 -4.15
C SER A 1 4.53 19.12 -2.95
N GLU A 2 4.64 19.78 -1.81
CA GLU A 2 4.24 19.22 -0.53
C GLU A 2 2.89 19.69 -0.06
N LEU A 3 2.03 18.75 0.20
CA LEU A 3 0.63 19.00 0.63
C LEU A 3 0.27 17.87 1.55
N SER A 4 -0.38 18.16 2.67
CA SER A 4 -0.99 17.13 3.51
CA SER A 4 -1.02 17.11 3.49
C SER A 4 -2.38 17.54 3.93
N PHE A 5 -3.28 16.58 4.06
CA PHE A 5 -4.60 16.88 4.64
C PHE A 5 -5.13 15.61 5.31
N ASN A 6 -6.12 15.78 6.16
CA ASN A 6 -6.60 14.67 6.94
C ASN A 6 -8.06 14.91 7.34
N TYR A 7 -8.93 14.02 6.86
CA TYR A 7 -10.36 13.98 7.24
C TYR A 7 -10.65 12.65 7.94
N PRO A 8 -10.54 12.61 9.28
CA PRO A 8 -10.88 11.36 9.98
C PRO A 8 -12.34 10.93 9.79
N ASN A 9 -13.23 11.89 9.52
CA ASN A 9 -14.54 11.72 9.00
C ASN A 9 -14.85 13.00 8.27
N PHE A 10 -16.06 13.13 7.73
CA PHE A 10 -16.48 14.33 7.04
C PHE A 10 -17.55 15.08 7.81
N GLN A 11 -17.41 15.12 9.13
CA GLN A 11 -18.28 16.08 9.86
C GLN A 11 -18.11 17.46 9.32
N SER A 12 -16.88 17.79 8.94
CA SER A 12 -16.65 18.98 8.17
C SER A 12 -16.22 18.61 6.76
N VAL A 13 -16.76 19.35 5.81
CA VAL A 13 -16.28 19.20 4.40
C VAL A 13 -15.57 20.43 3.87
N GLU A 14 -15.12 21.30 4.78
CA GLU A 14 -14.32 22.41 4.43
C GLU A 14 -13.17 21.97 3.52
N ASP A 15 -13.00 22.65 2.38
CA ASP A 15 -11.93 22.51 1.43
C ASP A 15 -12.18 21.27 0.56
N ILE A 16 -13.39 20.74 0.56
CA ILE A 16 -13.79 19.75 -0.44
C ILE A 16 -14.63 20.56 -1.45
N THR A 17 -14.37 20.34 -2.74
CA THR A 17 -15.14 20.88 -3.85
C THR A 17 -16.03 19.75 -4.37
N PHE A 18 -17.32 20.04 -4.39
CA PHE A 18 -18.31 19.08 -4.86
C PHE A 18 -18.83 19.51 -6.20
N GLN A 19 -19.04 18.54 -7.10
CA GLN A 19 -19.79 18.89 -8.32
C GLN A 19 -20.71 17.78 -8.76
N GLY A 20 -21.68 18.13 -9.62
CA GLY A 20 -22.55 17.08 -10.11
C GLY A 20 -23.45 16.64 -8.95
N GLY A 21 -23.66 15.36 -8.85
CA GLY A 21 -24.53 14.82 -7.85
C GLY A 21 -23.88 14.43 -6.55
N ALA A 22 -22.63 14.89 -6.27
CA ALA A 22 -21.99 14.55 -5.00
C ALA A 22 -22.34 15.64 -3.93
N SER A 23 -22.44 15.22 -2.66
CA SER A 23 -22.75 16.11 -1.57
C SER A 23 -22.36 15.53 -0.23
N PRO A 24 -22.28 16.37 0.81
CA PRO A 24 -21.98 15.92 2.16
C PRO A 24 -23.22 15.24 2.73
N ARG A 25 -23.11 14.05 3.22
CA ARG A 25 -24.23 13.33 3.89
C ARG A 25 -23.79 12.53 5.08
N ASN A 26 -24.40 12.79 6.24
CA ASN A 26 -24.07 12.02 7.48
C ASN A 26 -22.59 11.73 7.72
N GLU A 27 -21.81 12.82 7.74
CA GLU A 27 -20.41 12.71 7.91
C GLU A 27 -19.62 11.90 6.87
N THR A 28 -20.14 11.79 5.65
CA THR A 28 -19.49 11.13 4.56
C THR A 28 -19.52 12.01 3.32
N LEU A 29 -18.72 11.67 2.33
CA LEU A 29 -18.95 12.15 0.99
C LEU A 29 -19.85 11.18 0.27
N GLN A 30 -21.05 11.66 -0.14
CA GLN A 30 -21.95 10.84 -0.96
C GLN A 30 -21.73 11.23 -2.43
N LEU A 31 -21.27 10.27 -3.23
CA LEU A 31 -20.71 10.56 -4.58
C LEU A 31 -21.85 10.77 -5.58
N THR A 32 -22.91 9.97 -5.42
CA THR A 32 -24.06 10.05 -6.34
C THR A 32 -25.33 10.23 -5.54
N PRO A 33 -26.34 10.90 -6.10
CA PRO A 33 -27.50 11.36 -5.37
C PRO A 33 -28.58 10.32 -5.24
N THR A 34 -29.36 10.46 -4.14
CA THR A 34 -30.53 9.61 -3.91
C THR A 34 -31.76 10.51 -3.92
N ASP A 35 -32.90 9.96 -4.23
CA ASP A 35 -34.16 10.69 -4.30
C ASP A 35 -34.88 10.73 -2.95
N SER A 36 -36.02 11.36 -2.91
CA SER A 36 -36.77 11.49 -1.64
C SER A 36 -37.12 10.18 -1.00
N ASN A 37 -37.14 9.06 -1.74
CA ASN A 37 -37.36 7.72 -1.16
C ASN A 37 -36.09 6.99 -0.72
N GLY A 38 -35.00 7.73 -0.84
CA GLY A 38 -33.68 7.13 -0.61
C GLY A 38 -33.13 6.28 -1.70
N ILE A 39 -33.69 6.38 -2.90
CA ILE A 39 -33.39 5.42 -3.94
C ILE A 39 -32.34 6.08 -4.89
N PRO A 40 -31.23 5.37 -5.14
CA PRO A 40 -30.26 5.91 -6.11
C PRO A 40 -30.86 6.47 -7.36
N ILE A 41 -30.44 7.65 -7.73
CA ILE A 41 -30.94 8.32 -8.99
C ILE A 41 -30.08 7.82 -10.18
N ARG A 42 -30.74 7.27 -11.21
CA ARG A 42 -30.03 6.73 -12.38
C ARG A 42 -29.35 7.85 -13.16
N GLN A 43 -28.26 7.47 -13.84
CA GLN A 43 -27.59 8.35 -14.86
C GLN A 43 -27.16 9.70 -14.21
N ARG A 44 -26.41 9.56 -13.14
CA ARG A 44 -25.85 10.77 -12.47
C ARG A 44 -24.37 10.59 -12.18
N ALA A 45 -23.55 11.64 -12.24
CA ALA A 45 -22.13 11.49 -11.88
C ALA A 45 -21.87 12.61 -10.86
N GLY A 46 -20.92 12.38 -9.99
CA GLY A 46 -20.53 13.45 -9.07
C GLY A 46 -19.05 13.35 -8.79
N HIS A 47 -18.49 14.50 -8.36
CA HIS A 47 -17.10 14.60 -7.94
C HIS A 47 -17.07 15.27 -6.59
N ALA A 48 -16.20 14.73 -5.74
CA ALA A 48 -15.78 15.40 -4.53
C ALA A 48 -14.26 15.45 -4.48
N VAL A 49 -13.65 16.66 -4.53
CA VAL A 49 -12.27 16.77 -4.78
C VAL A 49 -11.64 17.68 -3.76
N TYR A 50 -10.40 17.42 -3.37
CA TYR A 50 -9.75 18.42 -2.47
C TYR A 50 -9.45 19.64 -3.21
N SER A 51 -9.75 20.77 -2.57
CA SER A 51 -9.71 22.10 -3.18
CA SER A 51 -9.72 22.04 -3.28
C SER A 51 -8.33 22.60 -3.60
N GLN A 52 -7.30 22.26 -2.86
CA GLN A 52 -5.97 22.85 -3.10
C GLN A 52 -5.21 22.03 -4.15
N PRO A 53 -4.81 22.66 -5.24
CA PRO A 53 -4.02 21.97 -6.24
C PRO A 53 -2.65 21.74 -5.73
N PHE A 54 -1.97 20.81 -6.36
CA PHE A 54 -0.59 20.49 -6.04
C PHE A 54 0.14 20.16 -7.34
N GLN A 55 1.46 19.98 -7.28
CA GLN A 55 2.26 19.67 -8.45
C GLN A 55 2.91 18.31 -8.27
N LEU A 56 3.10 17.59 -9.37
CA LEU A 56 3.69 16.25 -9.37
C LEU A 56 5.18 16.17 -9.68
N ARG A 57 5.84 17.27 -10.09
CA ARG A 57 7.26 17.19 -10.46
C ARG A 57 8.04 16.75 -9.21
N ASP A 58 8.93 15.76 -9.31
CA ASP A 58 9.79 15.35 -8.19
C ASP A 58 9.01 15.20 -6.89
N THR A 59 7.95 14.39 -6.99
CA THR A 59 6.99 14.22 -5.88
C THR A 59 6.61 12.76 -5.76
N SER A 60 6.50 12.33 -4.48
CA SER A 60 5.93 11.06 -4.11
C SER A 60 4.66 11.42 -3.27
N PHE A 61 3.69 10.57 -3.26
CA PHE A 61 2.55 10.73 -2.38
C PHE A 61 1.96 9.46 -1.88
N TYR A 62 1.23 9.60 -0.77
CA TYR A 62 0.47 8.56 -0.13
C TYR A 62 -0.91 9.10 0.26
N THR A 63 -1.89 8.33 -0.15
CA THR A 63 -3.26 8.57 0.25
C THR A 63 -3.99 7.30 0.66
N THR A 64 -4.91 7.45 1.61
CA THR A 64 -5.73 6.40 2.08
C THR A 64 -7.15 6.94 2.30
N PHE A 65 -8.10 6.08 2.04
CA PHE A 65 -9.49 6.41 2.40
C PHE A 65 -10.31 5.19 2.74
N THR A 66 -11.45 5.40 3.41
CA THR A 66 -12.31 4.26 3.63
C THR A 66 -13.64 4.57 2.87
N PHE A 67 -14.31 3.51 2.47
CA PHE A 67 -15.51 3.68 1.63
C PHE A 67 -16.49 2.56 1.86
N VAL A 68 -17.72 2.84 1.46
CA VAL A 68 -18.81 1.84 1.44
C VAL A 68 -19.48 1.95 0.11
N ILE A 69 -19.81 0.80 -0.49
CA ILE A 69 -20.75 0.78 -1.65
C ILE A 69 -22.08 0.23 -1.08
N ARG A 70 -23.14 0.99 -1.27
CA ARG A 70 -24.53 0.62 -0.82
C ARG A 70 -25.30 0.18 -1.98
N THR A 71 -25.59 -1.12 -2.09
CA THR A 71 -26.34 -1.55 -3.26
C THR A 71 -27.82 -1.85 -2.84
N THR A 72 -28.76 -1.67 -3.75
CA THR A 72 -30.15 -1.84 -3.46
C THR A 72 -30.70 -2.98 -4.32
N SER A 73 -29.80 -3.60 -5.10
CA SER A 73 -30.17 -4.82 -5.92
C SER A 73 -28.89 -5.57 -6.22
N ASN A 74 -29.01 -6.72 -6.90
CA ASN A 74 -27.88 -7.49 -7.29
C ASN A 74 -27.25 -7.04 -8.63
N SER A 75 -27.80 -5.96 -9.22
CA SER A 75 -27.30 -5.39 -10.49
C SER A 75 -26.92 -3.91 -10.27
N PRO A 76 -25.93 -3.66 -9.43
CA PRO A 76 -25.57 -2.22 -9.18
C PRO A 76 -24.74 -1.69 -10.38
N ALA A 77 -24.71 -0.36 -10.56
CA ALA A 77 -23.80 0.23 -11.49
C ALA A 77 -23.64 1.69 -11.06
N ASP A 78 -22.48 2.31 -11.26
CA ASP A 78 -21.33 1.86 -12.07
C ASP A 78 -20.08 1.74 -11.31
N GLY A 79 -19.97 2.39 -10.17
CA GLY A 79 -18.72 2.30 -9.42
C GLY A 79 -18.23 3.75 -9.09
N PHE A 80 -17.04 3.83 -8.66
CA PHE A 80 -16.40 5.13 -8.37
C PHE A 80 -14.87 5.00 -8.61
N ALA A 81 -14.15 6.15 -8.56
CA ALA A 81 -12.74 6.14 -8.66
C ALA A 81 -12.13 7.23 -7.84
N ILE A 82 -10.87 7.03 -7.42
CA ILE A 82 -10.05 8.14 -6.97
C ILE A 82 -9.27 8.52 -8.21
N PHE A 83 -9.06 9.82 -8.42
CA PHE A 83 -8.47 10.30 -9.69
C PHE A 83 -7.68 11.55 -9.50
N ILE A 84 -6.75 11.76 -10.46
CA ILE A 84 -5.93 12.96 -10.50
C ILE A 84 -6.11 13.53 -11.91
N ALA A 85 -6.32 14.87 -11.94
CA ALA A 85 -6.60 15.60 -13.18
C ALA A 85 -6.34 17.06 -12.93
N PRO A 86 -6.26 17.83 -14.01
CA PRO A 86 -6.03 19.27 -13.81
C PRO A 86 -7.21 19.86 -13.01
N PRO A 87 -6.99 21.04 -12.43
CA PRO A 87 -7.95 21.47 -11.50
C PRO A 87 -9.25 21.99 -12.06
N ASP A 88 -9.31 22.22 -13.33
CA ASP A 88 -10.58 22.57 -13.97
C ASP A 88 -11.29 21.35 -14.65
N PHE A 89 -10.88 20.17 -14.29
CA PHE A 89 -11.50 18.96 -14.88
C PHE A 89 -13.00 18.99 -14.49
N PRO A 90 -13.90 18.90 -15.46
CA PRO A 90 -15.28 18.96 -15.17
C PRO A 90 -15.89 17.55 -14.91
N VAL A 91 -17.13 17.55 -14.43
CA VAL A 91 -17.86 16.29 -14.36
C VAL A 91 -18.14 15.85 -15.78
N LYS A 92 -17.72 14.64 -16.10
CA LYS A 92 -17.97 14.07 -17.43
C LYS A 92 -19.08 13.07 -17.37
N ARG A 93 -19.14 12.19 -18.36
CA ARG A 93 -20.39 11.43 -18.54
C ARG A 93 -20.64 10.42 -17.40
N TYR A 94 -21.89 10.29 -17.05
CA TYR A 94 -22.42 9.35 -16.04
C TYR A 94 -22.32 7.90 -16.62
N GLY A 95 -22.83 6.90 -15.94
CA GLY A 95 -22.83 5.55 -16.41
C GLY A 95 -21.42 4.99 -16.35
N GLY A 96 -21.08 4.14 -17.30
CA GLY A 96 -19.81 3.43 -17.25
C GLY A 96 -18.59 4.27 -17.48
N TYR A 97 -18.81 5.54 -17.86
CA TYR A 97 -17.68 6.48 -17.99
C TYR A 97 -17.21 7.02 -16.63
N LEU A 98 -17.95 6.71 -15.53
CA LEU A 98 -17.53 6.91 -14.18
C LEU A 98 -17.40 8.38 -13.85
N GLY A 99 -18.02 9.25 -14.69
CA GLY A 99 -17.81 10.70 -14.43
C GLY A 99 -16.47 11.25 -14.93
N LEU A 100 -15.71 10.44 -15.66
CA LEU A 100 -14.33 10.68 -15.96
C LEU A 100 -14.01 10.84 -17.45
N PHE A 101 -14.96 10.42 -18.30
CA PHE A 101 -14.70 10.41 -19.74
C PHE A 101 -15.93 10.80 -20.46
N GLU A 102 -15.74 11.26 -21.69
CA GLU A 102 -16.89 11.54 -22.63
C GLU A 102 -16.94 10.40 -23.68
N PRO A 103 -18.13 10.09 -24.18
CA PRO A 103 -18.23 8.90 -25.03
C PRO A 103 -17.36 8.93 -26.28
N ASN A 104 -17.24 10.08 -26.95
CA ASN A 104 -16.53 10.03 -28.23
C ASN A 104 -15.00 9.87 -28.14
N THR A 105 -14.47 10.07 -26.95
CA THR A 105 -13.02 10.08 -26.74
C THR A 105 -12.62 9.19 -25.57
N ALA A 106 -13.52 8.40 -25.06
CA ALA A 106 -13.20 7.65 -23.81
C ALA A 106 -12.06 6.66 -23.91
N THR A 107 -11.83 6.08 -25.11
CA THR A 107 -10.72 5.13 -25.26
C THR A 107 -9.49 5.68 -25.98
N ASN A 108 -9.44 6.99 -26.19
CA ASN A 108 -8.38 7.62 -26.92
C ASN A 108 -7.44 8.25 -25.95
N THR A 109 -6.30 7.61 -25.71
CA THR A 109 -5.36 8.13 -24.75
C THR A 109 -4.84 9.46 -25.10
N SER A 110 -4.78 9.85 -26.40
CA SER A 110 -4.28 11.18 -26.64
C SER A 110 -5.30 12.30 -26.38
N ALA A 111 -6.53 11.95 -26.11
CA ALA A 111 -7.58 12.93 -25.97
C ALA A 111 -7.99 13.17 -24.47
N ASN A 112 -7.31 12.49 -23.53
CA ASN A 112 -7.62 12.61 -22.09
C ASN A 112 -6.40 12.92 -21.28
N LYS A 113 -6.57 13.54 -20.11
CA LYS A 113 -5.46 13.75 -19.15
C LYS A 113 -6.06 13.49 -17.80
N VAL A 114 -6.13 12.23 -17.47
CA VAL A 114 -6.68 11.79 -16.15
C VAL A 114 -6.10 10.46 -15.77
N VAL A 115 -5.76 10.24 -14.50
CA VAL A 115 -5.27 8.93 -14.08
C VAL A 115 -6.14 8.59 -12.86
N ALA A 116 -6.58 7.34 -12.81
CA ALA A 116 -7.48 6.92 -11.73
C ALA A 116 -7.32 5.49 -11.29
N VAL A 117 -7.70 5.20 -10.04
CA VAL A 117 -7.94 3.89 -9.61
C VAL A 117 -9.43 3.74 -9.49
N GLU A 118 -9.99 2.78 -10.23
CA GLU A 118 -11.42 2.67 -10.35
C GLU A 118 -11.93 1.33 -9.67
N PHE A 119 -13.12 1.39 -9.10
CA PHE A 119 -13.85 0.34 -8.44
C PHE A 119 -15.10 0.15 -9.26
N ASP A 120 -15.05 -0.89 -10.10
CA ASP A 120 -16.01 -0.96 -11.17
C ASP A 120 -16.99 -2.04 -10.90
N THR A 121 -18.29 -1.64 -10.61
CA THR A 121 -19.34 -2.60 -10.29
C THR A 121 -20.16 -3.16 -11.44
N TRP A 122 -19.94 -2.61 -12.64
CA TRP A 122 -20.79 -2.93 -13.78
C TRP A 122 -19.94 -3.29 -15.00
N VAL A 123 -20.07 -4.52 -15.48
CA VAL A 123 -19.28 -4.94 -16.58
C VAL A 123 -19.91 -4.29 -17.85
N ASN A 124 -19.15 -3.51 -18.56
CA ASN A 124 -19.56 -2.86 -19.80
C ASN A 124 -19.08 -3.65 -21.00
N THR A 125 -19.98 -3.87 -21.96
CA THR A 125 -19.61 -4.47 -23.23
C THR A 125 -19.44 -3.46 -24.31
N GLU A 126 -19.58 -2.16 -23.96
CA GLU A 126 -19.47 -1.10 -24.94
C GLU A 126 -18.00 -0.78 -25.24
N TRP A 127 -17.11 -1.29 -24.40
CA TRP A 127 -15.67 -1.30 -24.60
C TRP A 127 -15.08 -2.50 -23.92
N LYS A 128 -13.77 -2.71 -24.04
CA LYS A 128 -13.12 -3.90 -23.47
C LYS A 128 -12.91 -3.76 -21.98
N GLU A 129 -13.55 -4.65 -21.23
CA GLU A 129 -13.17 -4.83 -19.83
C GLU A 129 -13.51 -6.19 -19.39
N PRO A 130 -13.01 -6.58 -18.22
CA PRO A 130 -13.23 -7.95 -17.87
C PRO A 130 -14.66 -8.36 -17.63
N ARG A 131 -14.93 -9.67 -17.76
CA ARG A 131 -16.27 -10.16 -17.66
C ARG A 131 -16.81 -10.22 -16.21
N TYR A 132 -16.05 -9.68 -15.25
CA TYR A 132 -16.45 -9.71 -13.87
C TYR A 132 -16.19 -8.28 -13.32
N ARG A 133 -16.75 -8.01 -12.17
CA ARG A 133 -16.44 -6.73 -11.49
C ARG A 133 -14.96 -6.67 -11.12
N HIS A 134 -14.39 -5.46 -11.11
CA HIS A 134 -12.95 -5.36 -11.11
C HIS A 134 -12.52 -4.05 -10.56
N ILE A 135 -11.31 -4.03 -10.04
CA ILE A 135 -10.60 -2.79 -9.61
C ILE A 135 -9.49 -2.61 -10.74
N GLY A 136 -9.22 -1.39 -11.11
CA GLY A 136 -8.35 -1.05 -12.22
C GLY A 136 -7.58 0.19 -12.03
N ILE A 137 -6.47 0.29 -12.76
CA ILE A 137 -5.73 1.54 -12.89
C ILE A 137 -5.99 2.06 -14.33
N ASP A 138 -6.46 3.29 -14.44
CA ASP A 138 -6.77 3.91 -15.73
C ASP A 138 -5.82 4.99 -16.00
N VAL A 139 -5.27 4.98 -17.22
CA VAL A 139 -4.35 6.07 -17.65
C VAL A 139 -4.86 6.60 -18.98
N ASN A 140 -5.56 7.72 -18.85
CA ASN A 140 -6.10 8.42 -19.99
C ASN A 140 -7.12 7.68 -20.83
N SER A 141 -7.76 6.69 -20.26
CA SER A 141 -8.72 5.86 -20.97
C SER A 141 -9.60 5.10 -19.97
N ILE A 142 -10.83 4.93 -20.41
CA ILE A 142 -11.77 4.09 -19.63
C ILE A 142 -11.47 2.57 -19.70
N VAL A 143 -10.61 2.21 -20.64
CA VAL A 143 -10.11 0.83 -20.73
C VAL A 143 -8.83 0.74 -19.87
N SER A 144 -8.95 0.09 -18.72
CA SER A 144 -7.84 0.08 -17.77
C SER A 144 -6.61 -0.54 -18.31
N VAL A 145 -5.49 -0.01 -17.90
CA VAL A 145 -4.20 -0.59 -18.25
C VAL A 145 -3.82 -1.80 -17.39
N ARG A 146 -4.30 -1.84 -16.14
CA ARG A 146 -4.06 -2.93 -15.19
C ARG A 146 -5.39 -3.14 -14.47
N VAL A 147 -5.81 -4.41 -14.44
CA VAL A 147 -7.09 -4.72 -13.86
C VAL A 147 -7.01 -6.02 -13.08
N THR A 148 -7.79 -6.13 -12.04
CA THR A 148 -7.84 -7.34 -11.20
C THR A 148 -9.29 -7.63 -10.78
N ARG A 149 -9.65 -8.92 -10.71
CA ARG A 149 -11.00 -9.28 -10.26
C ARG A 149 -11.30 -8.79 -8.88
N TRP A 150 -12.47 -8.20 -8.73
CA TRP A 150 -13.02 -7.72 -7.45
C TRP A 150 -14.11 -8.71 -7.08
N GLN A 151 -13.95 -9.41 -5.95
CA GLN A 151 -14.83 -10.47 -5.54
C GLN A 151 -16.20 -9.96 -5.16
N ASP A 152 -17.23 -10.63 -5.67
CA ASP A 152 -18.62 -10.20 -5.36
C ASP A 152 -18.90 -10.21 -3.85
N LYS A 153 -18.25 -11.10 -3.10
CA LYS A 153 -18.48 -11.14 -1.67
C LYS A 153 -18.02 -9.80 -1.07
N ASP A 154 -16.95 -9.21 -1.62
CA ASP A 154 -16.49 -7.91 -1.10
C ASP A 154 -17.44 -6.78 -1.62
N VAL A 155 -17.66 -6.74 -2.94
CA VAL A 155 -18.57 -5.77 -3.56
C VAL A 155 -19.82 -5.59 -2.70
N PHE A 156 -20.48 -6.69 -2.36
CA PHE A 156 -21.80 -6.68 -1.68
C PHE A 156 -21.71 -6.76 -0.15
N SER A 157 -20.50 -6.63 0.38
CA SER A 157 -20.30 -6.87 1.77
C SER A 157 -20.97 -5.91 2.75
N ARG A 158 -21.17 -4.73 2.26
CA ARG A 158 -21.57 -3.54 3.01
C ARG A 158 -20.54 -3.16 4.05
N SER A 159 -19.33 -3.69 3.96
CA SER A 159 -18.31 -3.27 4.86
C SER A 159 -17.74 -1.93 4.56
N ILE A 160 -17.10 -1.37 5.60
CA ILE A 160 -16.25 -0.19 5.42
C ILE A 160 -14.89 -0.71 4.97
N ALA A 161 -14.59 -0.58 3.66
CA ALA A 161 -13.33 -1.00 3.10
C ALA A 161 -12.30 0.13 3.04
N THR A 162 -11.03 -0.27 2.88
CA THR A 162 -9.95 0.68 2.89
C THR A 162 -9.13 0.56 1.58
N ALA A 163 -8.78 1.69 1.05
CA ALA A 163 -7.85 1.78 -0.04
C ALA A 163 -6.62 2.51 0.36
N HIS A 164 -5.45 2.11 -0.19
CA HIS A 164 -4.22 2.84 -0.03
C HIS A 164 -3.66 3.04 -1.43
N VAL A 165 -3.36 4.27 -1.78
CA VAL A 165 -2.82 4.57 -3.13
C VAL A 165 -1.58 5.34 -2.92
N GLY A 166 -0.50 4.85 -3.54
CA GLY A 166 0.74 5.54 -3.43
C GLY A 166 1.45 5.73 -4.75
N TYR A 167 2.26 6.78 -4.80
CA TYR A 167 3.05 7.04 -5.97
C TYR A 167 4.49 7.28 -5.60
N ASP A 168 5.40 6.45 -6.10
CA ASP A 168 6.80 6.55 -5.91
C ASP A 168 7.44 7.40 -7.05
N GLY A 169 7.76 8.65 -6.75
CA GLY A 169 8.24 9.54 -7.80
C GLY A 169 9.63 9.28 -8.34
N ILE A 170 10.40 8.47 -7.66
CA ILE A 170 11.67 7.99 -8.14
C ILE A 170 11.54 6.87 -9.15
N SER A 171 10.81 5.81 -8.83
CA SER A 171 10.56 4.69 -9.75
C SER A 171 9.44 4.89 -10.79
N LYS A 172 8.66 5.92 -10.55
CA LYS A 172 7.48 6.30 -11.38
C LYS A 172 6.44 5.17 -11.40
N ILE A 173 6.01 4.75 -10.18
CA ILE A 173 5.12 3.63 -10.03
C ILE A 173 3.97 3.98 -9.11
N LEU A 174 2.77 3.83 -9.66
CA LEU A 174 1.50 4.00 -8.94
C LEU A 174 1.01 2.64 -8.46
N THR A 175 0.67 2.56 -7.17
CA THR A 175 0.23 1.32 -6.61
C THR A 175 -1.03 1.55 -5.78
N ALA A 176 -1.96 0.63 -5.91
CA ALA A 176 -3.12 0.54 -5.02
C ALA A 176 -3.14 -0.73 -4.25
N PHE A 177 -3.45 -0.64 -2.97
CA PHE A 177 -3.80 -1.78 -2.16
C PHE A 177 -5.22 -1.52 -1.64
N VAL A 178 -6.11 -2.48 -1.80
CA VAL A 178 -7.49 -2.37 -1.33
C VAL A 178 -7.74 -3.54 -0.36
N THR A 179 -8.36 -3.25 0.78
CA THR A 179 -8.54 -4.27 1.81
C THR A 179 -9.97 -4.25 2.36
N TYR A 180 -10.52 -5.44 2.58
CA TYR A 180 -11.81 -5.63 3.26
C TYR A 180 -11.59 -6.32 4.59
N PRO A 181 -12.34 -5.91 5.58
CA PRO A 181 -12.26 -6.58 6.90
C PRO A 181 -12.76 -7.99 6.79
N ASP A 182 -11.92 -8.96 7.14
CA ASP A 182 -12.27 -10.39 6.89
C ASP A 182 -12.74 -10.69 5.50
N GLY A 183 -12.15 -10.00 4.52
CA GLY A 183 -12.48 -10.15 3.15
C GLY A 183 -11.23 -10.13 2.35
N GLY A 184 -11.39 -9.78 1.11
CA GLY A 184 -10.33 -9.81 0.17
C GLY A 184 -9.34 -8.66 0.21
N ASN A 185 -8.11 -8.92 -0.24
CA ASN A 185 -7.09 -7.90 -0.40
C ASN A 185 -6.70 -7.83 -1.87
N TYR A 186 -6.42 -6.68 -2.36
CA TYR A 186 -6.14 -6.43 -3.79
C TYR A 186 -4.92 -5.63 -3.97
N VAL A 187 -4.09 -5.98 -4.96
CA VAL A 187 -2.88 -5.27 -5.21
C VAL A 187 -2.74 -4.99 -6.75
N LEU A 188 -2.51 -3.73 -7.09
CA LEU A 188 -2.18 -3.35 -8.49
C LEU A 188 -1.12 -2.34 -8.53
N SER A 189 -0.13 -2.49 -9.40
CA SER A 189 0.89 -1.47 -9.50
C SER A 189 1.20 -1.29 -10.97
N HIS A 190 1.52 -0.09 -11.33
CA HIS A 190 1.77 0.23 -12.74
C HIS A 190 2.77 1.36 -12.85
N VAL A 191 3.67 1.20 -13.82
CA VAL A 191 4.63 2.25 -14.20
C VAL A 191 3.92 3.34 -15.00
N VAL A 192 4.00 4.57 -14.52
CA VAL A 192 3.46 5.72 -15.25
C VAL A 192 4.09 6.97 -14.68
N ASP A 193 4.54 7.85 -15.57
CA ASP A 193 5.25 9.05 -15.17
C ASP A 193 4.25 10.18 -15.09
N LEU A 194 3.70 10.37 -13.89
CA LEU A 194 2.62 11.32 -13.68
C LEU A 194 3.07 12.81 -13.92
N ALA A 195 4.33 13.09 -13.67
CA ALA A 195 4.83 14.45 -13.91
C ALA A 195 4.91 14.73 -15.38
N GLU A 196 5.05 13.69 -16.21
CA GLU A 196 5.11 13.88 -17.65
C GLU A 196 3.71 14.10 -18.16
N ILE A 197 2.74 13.37 -17.63
CA ILE A 197 1.32 13.55 -18.02
C ILE A 197 0.81 14.90 -17.54
N PHE A 198 1.18 15.28 -16.35
CA PHE A 198 0.66 16.51 -15.72
C PHE A 198 1.78 17.50 -15.38
N PRO A 199 2.21 18.23 -16.36
CA PRO A 199 3.25 19.23 -16.10
C PRO A 199 2.81 20.40 -15.27
N GLY A 200 1.50 20.68 -15.15
CA GLY A 200 1.13 21.78 -14.27
C GLY A 200 0.51 21.37 -12.95
N ASP A 201 -0.50 22.10 -12.51
CA ASP A 201 -1.18 21.78 -11.26
C ASP A 201 -2.19 20.66 -11.52
N VAL A 202 -2.48 19.93 -10.47
CA VAL A 202 -3.51 18.90 -10.48
C VAL A 202 -4.29 18.94 -9.13
N ARG A 203 -5.49 18.40 -9.14
CA ARG A 203 -6.21 18.08 -7.90
C ARG A 203 -6.37 16.56 -7.82
N ILE A 204 -6.65 16.04 -6.58
CA ILE A 204 -6.99 14.66 -6.36
C ILE A 204 -8.36 14.61 -5.71
N GLY A 205 -9.13 13.65 -6.08
CA GLY A 205 -10.48 13.48 -5.50
C GLY A 205 -11.19 12.26 -6.07
N PHE A 206 -12.49 12.23 -5.84
CA PHE A 206 -13.32 11.11 -6.18
C PHE A 206 -14.35 11.39 -7.22
N SER A 207 -14.66 10.38 -8.02
CA SER A 207 -15.72 10.47 -8.97
C SER A 207 -16.53 9.22 -8.87
N GLY A 208 -17.84 9.40 -8.79
CA GLY A 208 -18.80 8.26 -8.75
C GLY A 208 -19.83 8.43 -9.76
N ALA A 209 -20.40 7.31 -10.24
CA ALA A 209 -21.49 7.50 -11.16
C ALA A 209 -22.48 6.34 -11.10
N THR A 210 -23.74 6.69 -11.43
CA THR A 210 -24.77 5.70 -11.75
C THR A 210 -25.14 5.84 -13.25
N GLY A 211 -25.77 4.83 -13.86
CA GLY A 211 -26.02 3.50 -13.34
C GLY A 211 -27.39 3.27 -12.67
N GLN A 212 -27.40 2.54 -11.57
CA GLN A 212 -28.64 2.13 -10.97
C GLN A 212 -28.31 1.39 -9.67
N TYR A 213 -29.21 1.50 -8.69
CA TYR A 213 -29.19 0.57 -7.53
C TYR A 213 -27.86 0.65 -6.76
N GLU A 214 -27.19 1.85 -6.72
CA GLU A 214 -25.91 1.91 -6.07
C GLU A 214 -25.68 3.35 -5.59
N THR A 215 -25.12 3.47 -4.41
CA THR A 215 -24.59 4.77 -3.96
C THR A 215 -23.19 4.52 -3.38
N GLN A 216 -22.23 5.44 -3.62
CA GLN A 216 -20.85 5.22 -3.12
C GLN A 216 -20.57 6.32 -2.09
N TYR A 217 -19.99 5.93 -0.95
CA TYR A 217 -19.74 6.85 0.12
C TYR A 217 -18.26 6.80 0.51
N ILE A 218 -17.66 7.94 0.79
CA ILE A 218 -16.30 7.96 1.31
C ILE A 218 -16.36 8.42 2.73
N HIS A 219 -15.86 7.59 3.65
CA HIS A 219 -16.01 7.87 5.05
C HIS A 219 -14.85 8.61 5.77
N SER A 220 -13.63 8.57 5.20
CA SER A 220 -12.44 9.23 5.76
C SER A 220 -11.47 9.31 4.60
N TRP A 221 -10.48 10.14 4.75
CA TRP A 221 -9.44 10.38 3.66
C TRP A 221 -8.30 11.16 4.21
N SER A 222 -7.08 10.70 3.98
CA SER A 222 -5.90 11.50 4.33
C SER A 222 -4.92 11.37 3.14
N PHE A 223 -4.05 12.35 3.06
CA PHE A 223 -3.08 12.48 1.95
C PHE A 223 -1.83 13.16 2.40
N SER A 224 -0.67 12.68 1.92
CA SER A 224 0.57 13.44 2.11
C SER A 224 1.42 13.30 0.85
N SER A 225 2.09 14.37 0.49
CA SER A 225 3.04 14.35 -0.65
C SER A 225 4.32 15.00 -0.17
N THR A 226 5.45 14.48 -0.69
CA THR A 226 6.74 14.86 -0.28
C THR A 226 7.65 14.97 -1.52
N SER A 227 8.62 15.89 -1.43
CA SER A 227 9.53 16.05 -2.52
C SER A 227 10.55 14.88 -2.61
N THR A 228 10.95 14.51 -3.83
CA THR A 228 11.93 13.46 -4.00
C THR A 228 13.31 14.05 -4.18
N ASN A 229 13.46 15.38 -4.06
CA ASN A 229 14.85 15.97 -4.05
C ASN A 229 15.69 15.54 -2.88
N SER B 1 1.41 -19.52 -5.13
CA SER B 1 0.33 -20.42 -4.51
C SER B 1 -0.51 -19.54 -3.60
N GLU B 2 -1.62 -20.10 -3.09
CA GLU B 2 -2.60 -19.38 -2.23
C GLU B 2 -2.42 -19.64 -0.76
N LEU B 3 -2.24 -18.58 0.04
CA LEU B 3 -1.96 -18.75 1.46
C LEU B 3 -2.51 -17.51 2.10
N SER B 4 -3.24 -17.66 3.21
CA SER B 4 -3.63 -16.49 3.97
C SER B 4 -3.49 -16.78 5.45
N PHE B 5 -3.13 -15.77 6.19
CA PHE B 5 -3.09 -15.91 7.65
C PHE B 5 -3.32 -14.56 8.29
N ASN B 6 -3.63 -14.59 9.58
CA ASN B 6 -3.98 -13.34 10.26
C ASN B 6 -3.76 -13.39 11.73
N TYR B 7 -2.89 -12.52 12.27
CA TYR B 7 -2.58 -12.38 13.63
C TYR B 7 -2.88 -10.94 14.00
N PRO B 8 -4.10 -10.68 14.52
CA PRO B 8 -4.40 -9.31 14.99
C PRO B 8 -3.59 -8.83 16.15
N ASN B 9 -3.07 -9.81 16.90
CA ASN B 9 -2.04 -9.63 17.93
C ASN B 9 -1.37 -11.00 18.07
N PHE B 10 -0.39 -11.10 18.95
CA PHE B 10 0.35 -12.35 19.12
C PHE B 10 0.10 -13.02 20.45
N GLN B 11 -1.15 -12.96 20.85
CA GLN B 11 -1.69 -13.83 21.87
C GLN B 11 -1.68 -15.27 21.36
N SER B 12 -1.63 -15.46 20.06
CA SER B 12 -1.32 -16.73 19.45
C SER B 12 -0.06 -16.57 18.62
N VAL B 13 0.85 -17.54 18.70
CA VAL B 13 1.98 -17.67 17.78
C VAL B 13 1.92 -19.09 17.11
N GLU B 14 0.73 -19.62 16.88
CA GLU B 14 0.49 -20.98 16.49
C GLU B 14 1.31 -21.42 15.38
N ASP B 15 1.39 -20.55 14.35
CA ASP B 15 2.13 -20.92 13.15
C ASP B 15 3.51 -20.26 13.01
N ILE B 16 3.98 -19.58 14.02
CA ILE B 16 5.21 -18.84 13.96
C ILE B 16 6.40 -19.68 14.42
N THR B 17 7.50 -19.66 13.64
CA THR B 17 8.77 -20.29 14.03
C THR B 17 9.72 -19.21 14.52
N PHE B 18 10.37 -19.51 15.67
CA PHE B 18 11.29 -18.57 16.30
C PHE B 18 12.71 -19.10 16.17
N GLN B 19 13.63 -18.27 15.68
CA GLN B 19 15.01 -18.67 15.49
C GLN B 19 15.98 -17.62 16.01
N GLY B 20 17.18 -18.08 16.45
CA GLY B 20 18.07 -17.13 17.01
C GLY B 20 17.57 -16.47 18.26
N GLY B 21 17.71 -15.15 18.34
CA GLY B 21 17.37 -14.43 19.53
C GLY B 21 15.89 -13.91 19.59
N ALA B 22 15.04 -14.40 18.70
CA ALA B 22 13.68 -13.90 18.65
C ALA B 22 12.82 -14.81 19.58
N SER B 23 11.76 -14.22 20.08
CA SER B 23 10.89 -14.88 21.05
C SER B 23 9.54 -14.19 21.15
N PRO B 24 8.52 -14.95 21.63
CA PRO B 24 7.19 -14.33 21.91
C PRO B 24 7.19 -13.70 23.26
N ARG B 25 6.93 -12.42 23.34
CA ARG B 25 6.93 -11.64 24.58
C ARG B 25 5.88 -10.55 24.55
N ASN B 26 5.12 -10.43 25.61
CA ASN B 26 4.11 -9.34 25.72
C ASN B 26 3.11 -9.23 24.58
N GLU B 27 2.74 -10.41 24.02
CA GLU B 27 1.73 -10.57 23.05
C GLU B 27 2.25 -9.95 21.73
N THR B 28 3.57 -9.93 21.60
CA THR B 28 4.22 -9.48 20.38
C THR B 28 5.30 -10.50 19.96
N LEU B 29 5.88 -10.29 18.77
CA LEU B 29 7.14 -10.97 18.38
C LEU B 29 8.25 -9.97 18.75
N GLN B 30 9.16 -10.42 19.64
CA GLN B 30 10.31 -9.66 20.01
C GLN B 30 11.53 -10.18 19.24
N LEU B 31 12.09 -9.38 18.34
CA LEU B 31 13.02 -9.95 17.38
C LEU B 31 14.39 -10.16 17.96
N THR B 32 14.82 -9.33 18.93
CA THR B 32 16.13 -9.53 19.55
C THR B 32 15.97 -9.56 21.06
N PRO B 33 16.90 -10.17 21.76
CA PRO B 33 16.62 -10.43 23.20
C PRO B 33 16.98 -9.26 24.08
N THR B 34 16.42 -9.28 25.27
CA THR B 34 16.70 -8.32 26.34
C THR B 34 17.08 -9.17 27.57
N ASP B 35 17.83 -8.59 28.46
CA ASP B 35 18.34 -9.33 29.63
C ASP B 35 17.32 -9.23 30.72
N SER B 36 17.65 -9.76 31.89
CA SER B 36 16.67 -9.83 32.93
C SER B 36 16.33 -8.46 33.53
N ASN B 37 17.13 -7.44 33.30
CA ASN B 37 16.68 -6.08 33.59
C ASN B 37 16.00 -5.35 32.44
N GLY B 38 15.74 -6.04 31.35
CA GLY B 38 15.04 -5.44 30.22
C GLY B 38 15.98 -4.69 29.27
N ILE B 39 17.28 -4.80 29.48
CA ILE B 39 18.27 -4.11 28.62
C ILE B 39 18.53 -4.90 27.33
N PRO B 40 18.47 -4.21 26.16
CA PRO B 40 18.83 -4.89 24.92
C PRO B 40 20.22 -5.48 24.94
N ILE B 41 20.33 -6.73 24.50
CA ILE B 41 21.57 -7.46 24.42
C ILE B 41 22.24 -7.12 23.06
N ARG B 42 23.53 -6.77 23.14
CA ARG B 42 24.23 -6.34 21.94
C ARG B 42 24.59 -7.55 21.08
N GLN B 43 24.76 -7.31 19.78
CA GLN B 43 25.29 -8.33 18.86
C GLN B 43 24.50 -9.61 18.89
N ARG B 44 23.19 -9.43 18.72
CA ARG B 44 22.29 -10.58 18.49
C ARG B 44 21.36 -10.36 17.30
N ALA B 45 20.95 -11.47 16.71
CA ALA B 45 19.95 -11.42 15.62
C ALA B 45 18.93 -12.52 15.85
N GLY B 46 17.73 -12.30 15.33
CA GLY B 46 16.68 -13.29 15.44
C GLY B 46 15.68 -13.16 14.34
N HIS B 47 15.09 -14.29 13.96
CA HIS B 47 14.01 -14.34 13.00
C HIS B 47 12.73 -14.87 13.63
N ALA B 48 11.60 -14.38 13.14
CA ALA B 48 10.29 -14.93 13.46
C ALA B 48 9.57 -15.08 12.18
N VAL B 49 9.28 -16.34 11.79
CA VAL B 49 8.83 -16.58 10.43
C VAL B 49 7.49 -17.32 10.41
N TYR B 50 6.69 -17.09 9.39
CA TYR B 50 5.55 -17.94 9.20
C TYR B 50 6.04 -19.32 8.76
N SER B 51 5.57 -20.36 9.48
CA SER B 51 6.17 -21.68 9.41
C SER B 51 5.98 -22.39 8.06
N GLN B 52 4.94 -22.08 7.31
CA GLN B 52 4.61 -22.86 6.15
C GLN B 52 5.21 -22.21 4.89
N PRO B 53 5.79 -23.03 4.04
CA PRO B 53 6.32 -22.46 2.76
C PRO B 53 5.20 -22.20 1.79
N PHE B 54 5.49 -21.37 0.81
CA PHE B 54 4.58 -21.12 -0.27
C PHE B 54 5.39 -20.89 -1.50
N GLN B 55 4.72 -20.70 -2.64
CA GLN B 55 5.40 -20.48 -3.88
C GLN B 55 5.02 -19.14 -4.46
N LEU B 56 5.91 -18.59 -5.27
CA LEU B 56 5.70 -17.29 -5.85
C LEU B 56 5.43 -17.34 -7.32
N ARG B 57 5.41 -18.51 -7.95
CA ARG B 57 5.12 -18.48 -9.37
C ARG B 57 3.70 -18.02 -9.62
N ASP B 58 3.43 -17.20 -10.60
CA ASP B 58 2.07 -16.70 -10.89
C ASP B 58 1.31 -16.33 -9.62
N THR B 59 1.92 -15.45 -8.81
CA THR B 59 1.31 -15.03 -7.54
C THR B 59 1.46 -13.54 -7.25
N SER B 60 0.42 -12.95 -6.69
CA SER B 60 0.51 -11.61 -6.05
C SER B 60 0.31 -11.86 -4.54
N PHE B 61 0.71 -10.88 -3.73
CA PHE B 61 0.51 -10.97 -2.35
C PHE B 61 0.37 -9.57 -1.75
N TYR B 62 -0.27 -9.55 -0.58
CA TYR B 62 -0.42 -8.37 0.27
C TYR B 62 -0.09 -8.80 1.70
N THR B 63 0.72 -8.03 2.41
CA THR B 63 0.94 -8.30 3.82
C THR B 63 0.99 -6.97 4.54
N THR B 64 0.57 -7.00 5.78
CA THR B 64 0.62 -5.79 6.58
C THR B 64 0.98 -6.21 8.01
N PHE B 65 1.67 -5.31 8.70
CA PHE B 65 2.04 -5.56 10.06
C PHE B 65 2.17 -4.27 10.80
N THR B 66 2.13 -4.35 12.13
CA THR B 66 2.38 -3.16 12.97
C THR B 66 3.61 -3.45 13.84
N PHE B 67 4.34 -2.41 14.20
CA PHE B 67 5.59 -2.64 14.90
C PHE B 67 5.91 -1.46 15.75
N VAL B 68 6.84 -1.70 16.70
CA VAL B 68 7.35 -0.61 17.57
C VAL B 68 8.84 -0.84 17.63
N ILE B 69 9.60 0.27 17.56
CA ILE B 69 11.02 0.19 17.87
C ILE B 69 11.18 0.86 19.21
N ARG B 70 11.75 0.17 20.21
CA ARG B 70 11.97 0.75 21.51
C ARG B 70 13.45 1.08 21.62
N THR B 71 13.82 2.34 21.82
CA THR B 71 15.22 2.68 21.89
C THR B 71 15.52 3.21 23.30
N THR B 72 16.74 2.98 23.79
CA THR B 72 17.07 3.42 25.11
C THR B 72 18.18 4.46 25.06
N SER B 73 18.52 4.89 23.85
CA SER B 73 19.48 5.93 23.60
C SER B 73 19.26 6.55 22.23
N ASN B 74 19.90 7.69 21.99
CA ASN B 74 19.79 8.33 20.69
C ASN B 74 20.73 7.74 19.64
N SER B 75 21.47 6.65 19.95
CA SER B 75 22.28 5.93 18.97
C SER B 75 21.85 4.45 18.89
N PRO B 76 20.59 4.19 18.62
CA PRO B 76 20.18 2.76 18.47
C PRO B 76 20.80 2.05 17.29
N ALA B 77 20.87 0.70 17.36
CA ALA B 77 21.25 -0.08 16.19
C ALA B 77 20.64 -1.47 16.34
N ASP B 78 20.29 -2.20 15.30
CA ASP B 78 20.56 -1.84 13.88
C ASP B 78 19.32 -1.72 13.02
N GLY B 79 18.20 -2.23 13.53
CA GLY B 79 16.93 -2.14 12.83
C GLY B 79 16.33 -3.57 12.62
N PHE B 80 15.46 -3.64 11.67
CA PHE B 80 14.82 -4.93 11.35
C PHE B 80 14.26 -4.91 9.93
N ALA B 81 13.83 -6.08 9.46
CA ALA B 81 13.29 -6.25 8.12
C ALA B 81 12.23 -7.30 8.07
N ILE B 82 11.29 -7.05 7.14
CA ILE B 82 10.51 -8.14 6.64
C ILE B 82 11.19 -8.75 5.43
N PHE B 83 11.22 -10.10 5.31
CA PHE B 83 12.01 -10.73 4.29
C PHE B 83 11.31 -11.97 3.70
N ILE B 84 11.66 -12.26 2.43
CA ILE B 84 11.27 -13.52 1.80
C ILE B 84 12.57 -14.23 1.42
N ALA B 85 12.62 -15.54 1.62
CA ALA B 85 13.82 -16.32 1.35
C ALA B 85 13.45 -17.78 1.27
N PRO B 86 14.38 -18.63 0.84
CA PRO B 86 13.98 -20.05 0.82
C PRO B 86 13.71 -20.57 2.25
N PRO B 87 13.09 -21.74 2.37
CA PRO B 87 12.59 -22.14 3.70
C PRO B 87 13.72 -22.49 4.65
N ASP B 88 14.90 -22.83 4.12
CA ASP B 88 16.04 -23.17 4.98
C ASP B 88 16.90 -21.96 5.31
N PHE B 89 16.49 -20.82 4.87
CA PHE B 89 17.19 -19.55 5.20
C PHE B 89 17.39 -19.35 6.69
N PRO B 90 18.66 -19.34 7.20
CA PRO B 90 18.88 -19.22 8.63
C PRO B 90 19.04 -17.77 9.07
N VAL B 91 19.04 -17.57 10.37
CA VAL B 91 19.44 -16.27 10.96
C VAL B 91 20.92 -16.05 10.64
N LYS B 92 21.25 -14.92 9.99
CA LYS B 92 22.61 -14.62 9.66
C LYS B 92 23.20 -13.57 10.58
N ARG B 93 24.15 -12.78 10.14
CA ARG B 93 24.96 -11.99 11.10
C ARG B 93 24.17 -10.87 11.74
N TYR B 94 24.43 -10.62 13.00
CA TYR B 94 23.96 -9.49 13.76
C TYR B 94 24.58 -8.20 13.33
N GLY B 95 24.30 -7.11 14.01
CA GLY B 95 24.82 -5.81 13.64
C GLY B 95 24.14 -5.30 12.35
N GLY B 96 24.88 -4.60 11.52
CA GLY B 96 24.36 -3.97 10.33
C GLY B 96 23.93 -4.93 9.22
N TYR B 97 24.33 -6.17 9.38
CA TYR B 97 23.85 -7.21 8.43
C TYR B 97 22.34 -7.56 8.61
N LEU B 98 21.73 -7.06 9.72
CA LEU B 98 20.29 -7.20 10.04
C LEU B 98 19.75 -8.64 10.14
N GLY B 99 20.65 -9.56 10.44
CA GLY B 99 20.34 -10.96 10.38
C GLY B 99 20.01 -11.57 9.07
N LEU B 100 20.36 -10.91 8.01
CA LEU B 100 20.03 -11.33 6.66
C LEU B 100 21.22 -11.65 5.78
N PHE B 101 22.45 -11.31 6.17
CA PHE B 101 23.58 -11.45 5.30
C PHE B 101 24.75 -11.92 6.14
N GLU B 102 25.72 -12.45 5.41
CA GLU B 102 27.05 -12.95 5.92
C GLU B 102 28.11 -11.86 5.51
N PRO B 103 29.04 -11.48 6.37
CA PRO B 103 29.99 -10.44 5.98
C PRO B 103 30.74 -10.69 4.68
N ASN B 104 31.15 -11.94 4.42
CA ASN B 104 31.91 -12.29 3.21
C ASN B 104 31.18 -12.15 1.92
N THR B 105 29.85 -12.06 1.96
CA THR B 105 29.08 -12.03 0.75
C THR B 105 27.93 -11.01 0.74
N ALA B 106 27.96 -10.07 1.68
CA ALA B 106 26.80 -9.19 1.96
C ALA B 106 26.45 -8.36 0.75
N THR B 107 27.43 -8.02 -0.03
CA THR B 107 27.16 -7.15 -1.17
C THR B 107 27.20 -7.87 -2.52
N ASN B 108 27.28 -9.18 -2.49
CA ASN B 108 27.36 -9.97 -3.69
C ASN B 108 26.04 -10.53 -4.08
N THR B 109 25.41 -9.93 -5.07
CA THR B 109 24.07 -10.29 -5.37
C THR B 109 23.94 -11.74 -5.86
N SER B 110 24.99 -12.27 -6.46
CA SER B 110 24.93 -13.63 -7.00
C SER B 110 25.01 -14.68 -5.85
N ALA B 111 25.43 -14.24 -4.69
CA ALA B 111 25.69 -15.16 -3.56
C ALA B 111 24.56 -15.16 -2.56
N ASN B 112 23.48 -14.44 -2.84
CA ASN B 112 22.39 -14.34 -1.88
C ASN B 112 21.04 -14.56 -2.58
N LYS B 113 20.03 -15.05 -1.84
CA LYS B 113 18.68 -15.27 -2.37
C LYS B 113 17.75 -14.80 -1.26
N VAL B 114 17.57 -13.48 -1.14
CA VAL B 114 16.74 -12.88 -0.09
C VAL B 114 16.30 -11.51 -0.51
N VAL B 115 14.99 -11.25 -0.42
CA VAL B 115 14.40 -9.95 -0.69
C VAL B 115 13.75 -9.39 0.56
N ALA B 116 13.98 -8.11 0.91
CA ALA B 116 13.50 -7.60 2.17
C ALA B 116 13.12 -6.17 2.07
N VAL B 117 12.27 -5.73 2.96
CA VAL B 117 12.10 -4.27 3.24
C VAL B 117 12.70 -4.02 4.58
N GLU B 118 13.67 -3.09 4.66
CA GLU B 118 14.45 -2.93 5.84
C GLU B 118 14.14 -1.57 6.45
N PHE B 119 14.22 -1.55 7.76
CA PHE B 119 14.01 -0.31 8.60
C PHE B 119 15.36 -0.17 9.33
N ASP B 120 16.19 0.73 8.85
CA ASP B 120 17.60 0.77 9.22
C ASP B 120 17.86 1.95 10.14
N THR B 121 18.16 1.64 11.41
CA THR B 121 18.36 2.68 12.41
C THR B 121 19.80 3.15 12.58
N TRP B 122 20.74 2.48 11.89
CA TRP B 122 22.16 2.73 12.05
C TRP B 122 22.90 2.86 10.73
N VAL B 123 23.45 4.05 10.62
CA VAL B 123 24.25 4.37 9.40
C VAL B 123 25.57 3.65 9.43
N ASN B 124 25.72 2.68 8.52
CA ASN B 124 26.94 1.93 8.36
C ASN B 124 27.82 2.56 7.29
N THR B 125 29.12 2.66 7.60
CA THR B 125 30.08 3.07 6.58
C THR B 125 30.84 1.88 6.00
N GLU B 126 30.56 0.69 6.50
CA GLU B 126 31.19 -0.50 5.95
C GLU B 126 30.77 -0.88 4.54
N TRP B 127 29.65 -0.33 4.05
CA TRP B 127 29.14 -0.57 2.71
C TRP B 127 28.35 0.71 2.40
N LYS B 128 27.99 0.90 1.15
CA LYS B 128 27.23 2.06 0.74
C LYS B 128 25.76 2.11 1.25
N GLU B 129 25.45 3.15 2.01
CA GLU B 129 24.05 3.47 2.34
C GLU B 129 23.93 4.92 2.77
N PRO B 130 22.72 5.44 2.81
CA PRO B 130 22.64 6.85 3.17
C PRO B 130 23.20 7.25 4.48
N ARG B 131 23.52 8.54 4.55
CA ARG B 131 24.03 9.16 5.75
C ARG B 131 23.02 9.42 6.84
N TYR B 132 21.79 8.98 6.68
CA TYR B 132 20.73 9.16 7.64
C TYR B 132 19.99 7.83 7.77
N ARG B 133 19.18 7.72 8.81
CA ARG B 133 18.33 6.52 8.96
C ARG B 133 17.39 6.43 7.78
N HIS B 134 17.03 5.21 7.41
CA HIS B 134 16.41 4.98 6.10
C HIS B 134 15.59 3.71 6.10
N ILE B 135 14.56 3.75 5.28
CA ILE B 135 13.82 2.50 4.86
C ILE B 135 14.23 2.08 3.47
N GLY B 136 14.42 0.76 3.23
CA GLY B 136 14.96 0.37 1.93
C GLY B 136 14.32 -0.91 1.46
N ILE B 137 14.44 -1.15 0.17
CA ILE B 137 14.11 -2.44 -0.43
C ILE B 137 15.49 -3.06 -0.74
N ASP B 138 15.71 -4.29 -0.33
CA ASP B 138 16.94 -5.04 -0.56
C ASP B 138 16.68 -6.23 -1.47
N VAL B 139 17.47 -6.40 -2.55
CA VAL B 139 17.31 -7.59 -3.40
C VAL B 139 18.69 -8.19 -3.44
N ASN B 140 18.90 -9.24 -2.64
CA ASN B 140 20.14 -10.02 -2.69
C ASN B 140 21.40 -9.32 -2.26
N SER B 141 21.24 -8.20 -1.53
CA SER B 141 22.35 -7.45 -1.05
C SER B 141 21.97 -6.47 0.05
N ILE B 142 22.90 -6.26 0.97
CA ILE B 142 22.73 -5.32 2.01
C ILE B 142 22.73 -3.86 1.52
N VAL B 143 23.20 -3.59 0.32
CA VAL B 143 23.11 -2.28 -0.31
C VAL B 143 21.75 -2.21 -0.99
N SER B 144 20.84 -1.42 -0.42
CA SER B 144 19.48 -1.38 -0.94
C SER B 144 19.40 -0.93 -2.36
N VAL B 145 18.43 -1.47 -3.14
CA VAL B 145 18.19 -1.02 -4.52
C VAL B 145 17.31 0.20 -4.59
N ARG B 146 16.55 0.49 -3.53
CA ARG B 146 15.67 1.68 -3.45
C ARG B 146 15.65 2.03 -1.96
N VAL B 147 15.93 3.28 -1.65
CA VAL B 147 16.02 3.69 -0.33
C VAL B 147 15.44 5.10 -0.13
N THR B 148 14.91 5.38 1.05
CA THR B 148 14.37 6.70 1.36
C THR B 148 14.62 7.08 2.79
N ARG B 149 14.77 8.40 3.03
CA ARG B 149 15.01 8.84 4.42
C ARG B 149 13.88 8.48 5.35
N TRP B 150 14.19 7.99 6.55
CA TRP B 150 13.28 7.71 7.60
C TRP B 150 13.48 8.77 8.67
N GLN B 151 12.44 9.53 8.92
CA GLN B 151 12.58 10.75 9.77
C GLN B 151 12.81 10.31 11.20
N ASP B 152 13.73 11.00 11.87
CA ASP B 152 14.05 10.70 13.25
C ASP B 152 12.85 10.82 14.13
N LYS B 153 11.98 11.76 13.84
CA LYS B 153 10.79 11.90 14.63
C LYS B 153 9.97 10.66 14.70
N ASP B 154 9.87 9.99 13.56
CA ASP B 154 9.12 8.68 13.44
C ASP B 154 9.97 7.56 14.10
N VAL B 155 11.24 7.50 13.81
CA VAL B 155 12.16 6.49 14.39
C VAL B 155 11.99 6.38 15.92
N PHE B 156 11.99 7.56 16.58
CA PHE B 156 11.98 7.69 18.03
C PHE B 156 10.60 7.93 18.68
N SER B 157 9.54 7.79 17.89
CA SER B 157 8.21 8.15 18.34
C SER B 157 7.64 7.25 19.43
N ARG B 158 8.07 6.00 19.44
CA ARG B 158 7.50 4.98 20.34
C ARG B 158 6.08 4.66 19.88
N SER B 159 5.71 5.06 18.65
CA SER B 159 4.40 4.76 18.21
C SER B 159 4.34 3.33 17.65
N ILE B 160 3.12 2.83 17.59
CA ILE B 160 2.81 1.63 16.82
C ILE B 160 2.63 2.08 15.37
N ALA B 161 3.59 1.76 14.56
CA ALA B 161 3.59 2.12 13.20
C ALA B 161 3.08 0.93 12.35
N THR B 162 2.70 1.22 11.11
CA THR B 162 2.14 0.25 10.22
C THR B 162 2.90 0.16 8.92
N ALA B 163 3.11 -1.04 8.43
CA ALA B 163 3.65 -1.25 7.12
C ALA B 163 2.72 -2.10 6.30
N HIS B 164 2.69 -1.74 5.01
CA HIS B 164 1.97 -2.50 4.07
C HIS B 164 2.95 -2.92 2.97
N VAL B 165 3.04 -4.20 2.61
CA VAL B 165 3.94 -4.61 1.59
C VAL B 165 3.21 -5.47 0.63
N GLY B 166 3.26 -5.12 -0.65
CA GLY B 166 2.53 -5.86 -1.63
C GLY B 166 3.39 -6.15 -2.85
N TYR B 167 3.03 -7.22 -3.55
CA TYR B 167 3.65 -7.66 -4.75
C TYR B 167 2.65 -7.96 -5.79
N ASP B 168 2.77 -7.23 -6.91
CA ASP B 168 1.95 -7.38 -8.06
C ASP B 168 2.64 -8.34 -9.04
N GLY B 169 2.14 -9.57 -9.14
CA GLY B 169 2.83 -10.58 -9.88
C GLY B 169 2.77 -10.42 -11.37
N ILE B 170 1.84 -9.58 -11.85
CA ILE B 170 1.76 -9.27 -13.25
C ILE B 170 2.79 -8.22 -13.69
N SER B 171 2.83 -7.06 -13.03
CA SER B 171 3.80 -6.05 -13.33
C SER B 171 5.19 -6.30 -12.69
N LYS B 172 5.26 -7.27 -11.78
CA LYS B 172 6.54 -7.63 -11.11
C LYS B 172 7.03 -6.42 -10.37
N ILE B 173 6.16 -5.84 -9.50
CA ILE B 173 6.54 -4.65 -8.67
C ILE B 173 6.28 -4.96 -7.21
N LEU B 174 7.30 -4.77 -6.39
CA LEU B 174 7.25 -4.86 -4.94
C LEU B 174 7.12 -3.45 -4.36
N THR B 175 6.10 -3.26 -3.51
CA THR B 175 5.81 -1.96 -2.95
C THR B 175 5.73 -1.99 -1.44
N ALA B 176 6.26 -0.93 -0.79
CA ALA B 176 6.05 -0.80 0.63
C ALA B 176 5.48 0.56 0.92
N PHE B 177 4.44 0.57 1.73
CA PHE B 177 3.93 1.82 2.28
C PHE B 177 4.13 1.72 3.79
N VAL B 178 4.67 2.77 4.42
CA VAL B 178 4.89 2.75 5.86
C VAL B 178 4.25 4.01 6.46
N THR B 179 3.42 3.83 7.49
CA THR B 179 2.74 4.97 8.06
C THR B 179 2.88 5.06 9.55
N TYR B 180 2.96 6.30 10.03
CA TYR B 180 2.98 6.58 11.46
C TYR B 180 1.77 7.40 11.90
N PRO B 181 1.21 7.08 13.06
CA PRO B 181 0.04 7.87 13.39
C PRO B 181 0.40 9.33 13.75
N ASP B 182 -0.28 10.27 13.13
CA ASP B 182 0.14 11.68 13.22
C ASP B 182 1.64 11.90 12.87
N GLY B 183 2.18 11.02 12.04
CA GLY B 183 3.55 11.14 11.64
C GLY B 183 3.76 10.97 10.16
N GLY B 184 4.91 10.49 9.81
CA GLY B 184 5.38 10.43 8.48
C GLY B 184 4.79 9.26 7.72
N ASN B 185 4.67 9.39 6.38
CA ASN B 185 4.31 8.29 5.50
C ASN B 185 5.41 8.10 4.48
N TYR B 186 5.63 6.85 4.07
CA TYR B 186 6.75 6.50 3.24
C TYR B 186 6.27 5.55 2.17
N VAL B 187 6.76 5.79 0.90
CA VAL B 187 6.38 4.95 -0.25
C VAL B 187 7.63 4.55 -1.00
N LEU B 188 7.85 3.24 -1.21
CA LEU B 188 8.88 2.75 -2.05
C LEU B 188 8.38 1.65 -2.92
N SER B 189 8.67 1.73 -4.23
CA SER B 189 8.31 0.67 -5.15
C SER B 189 9.52 0.29 -6.02
N HIS B 190 9.60 -0.97 -6.45
CA HIS B 190 10.71 -1.40 -7.20
C HIS B 190 10.28 -2.58 -8.07
N VAL B 191 10.73 -2.53 -9.34
CA VAL B 191 10.46 -3.63 -10.29
C VAL B 191 11.45 -4.76 -10.00
N VAL B 192 10.94 -5.94 -9.66
CA VAL B 192 11.77 -7.11 -9.39
C VAL B 192 10.92 -8.35 -9.58
N ASP B 193 11.45 -9.26 -10.38
CA ASP B 193 10.74 -10.52 -10.70
C ASP B 193 11.05 -11.53 -9.60
N LEU B 194 10.12 -11.62 -8.62
CA LEU B 194 10.38 -12.52 -7.51
C LEU B 194 10.34 -13.98 -7.86
N ALA B 195 9.53 -14.34 -8.80
CA ALA B 195 9.48 -15.73 -9.24
C ALA B 195 10.73 -16.18 -9.90
N GLU B 196 11.45 -15.25 -10.53
CA GLU B 196 12.72 -15.61 -11.13
C GLU B 196 13.76 -15.88 -10.05
N ILE B 197 13.77 -15.06 -8.98
CA ILE B 197 14.71 -15.20 -7.90
C ILE B 197 14.40 -16.45 -7.12
N PHE B 198 13.13 -16.75 -6.95
CA PHE B 198 12.62 -17.87 -6.13
C PHE B 198 11.75 -18.84 -6.91
N PRO B 199 12.36 -19.72 -7.68
CA PRO B 199 11.55 -20.63 -8.48
C PRO B 199 10.92 -21.80 -7.73
N GLY B 200 11.32 -22.02 -6.50
CA GLY B 200 10.78 -23.06 -5.63
C GLY B 200 9.93 -22.54 -4.47
N ASP B 201 10.20 -23.00 -3.24
CA ASP B 201 9.43 -22.56 -2.12
C ASP B 201 10.16 -21.44 -1.43
N VAL B 202 9.40 -20.63 -0.74
CA VAL B 202 9.86 -19.49 0.11
C VAL B 202 9.16 -19.54 1.47
N ARG B 203 9.71 -18.85 2.50
CA ARG B 203 8.95 -18.51 3.69
C ARG B 203 9.20 -17.02 3.95
N ILE B 204 8.18 -16.41 4.47
CA ILE B 204 8.22 -14.98 4.85
C ILE B 204 8.34 -14.80 6.32
N GLY B 205 9.01 -13.70 6.75
CA GLY B 205 9.20 -13.52 8.14
C GLY B 205 9.89 -12.22 8.43
N PHE B 206 10.26 -12.07 9.70
CA PHE B 206 10.93 -10.86 10.17
C PHE B 206 12.32 -11.20 10.71
N SER B 207 13.26 -10.30 10.47
CA SER B 207 14.60 -10.43 11.02
C SER B 207 14.97 -9.12 11.76
N GLY B 208 15.49 -9.19 13.00
CA GLY B 208 15.98 -7.98 13.68
C GLY B 208 17.40 -8.23 14.17
N ALA B 209 18.13 -7.14 14.43
CA ALA B 209 19.45 -7.30 14.89
C ALA B 209 19.85 -6.09 15.74
N THR B 210 20.74 -6.40 16.67
CA THR B 210 21.53 -5.40 17.40
C THR B 210 23.02 -5.73 17.14
N GLY B 211 23.91 -4.80 17.37
CA GLY B 211 23.70 -3.39 17.71
C GLY B 211 23.61 -3.12 19.20
N GLN B 212 22.71 -2.27 19.58
CA GLN B 212 22.74 -1.56 20.88
C GLN B 212 21.50 -0.70 21.12
N TYR B 213 21.06 -0.66 22.38
CA TYR B 213 20.02 0.27 22.79
C TYR B 213 18.72 0.21 22.00
N GLU B 214 18.35 -0.98 21.48
CA GLU B 214 17.26 -1.09 20.60
C GLU B 214 16.66 -2.46 20.73
N THR B 215 15.32 -2.46 20.81
CA THR B 215 14.56 -3.69 20.62
C THR B 215 13.47 -3.44 19.60
N GLN B 216 13.19 -4.49 18.79
CA GLN B 216 12.19 -4.37 17.74
C GLN B 216 11.05 -5.34 18.01
N TYR B 217 9.81 -4.85 17.94
CA TYR B 217 8.65 -5.67 18.25
C TYR B 217 7.62 -5.64 17.13
N ILE B 218 7.15 -6.82 16.72
CA ILE B 218 6.02 -6.88 15.80
C ILE B 218 4.77 -7.12 16.62
N HIS B 219 3.72 -6.29 16.37
CA HIS B 219 2.53 -6.38 17.20
C HIS B 219 1.34 -7.05 16.55
N SER B 220 1.32 -7.15 15.22
CA SER B 220 0.27 -7.80 14.44
C SER B 220 0.77 -8.07 13.04
N TRP B 221 0.14 -9.01 12.33
CA TRP B 221 0.61 -9.36 10.99
C TRP B 221 -0.44 -10.16 10.31
N SER B 222 -0.81 -9.74 9.09
CA SER B 222 -1.62 -10.59 8.23
C SER B 222 -1.08 -10.64 6.80
N PHE B 223 -1.55 -11.64 6.05
CA PHE B 223 -0.98 -11.93 4.74
C PHE B 223 -2.00 -12.64 3.89
N SER B 224 -2.03 -12.30 2.60
CA SER B 224 -2.81 -13.11 1.67
C SER B 224 -2.06 -13.15 0.34
N SER B 225 -2.08 -14.29 -0.30
CA SER B 225 -1.56 -14.43 -1.67
C SER B 225 -2.57 -15.09 -2.58
N THR B 226 -2.57 -14.68 -3.82
CA THR B 226 -3.54 -15.22 -4.75
CA THR B 226 -3.54 -15.16 -4.79
C THR B 226 -2.85 -15.48 -6.12
N SER B 227 -3.38 -16.42 -6.90
CA SER B 227 -2.85 -16.71 -8.22
CA SER B 227 -2.85 -16.70 -8.21
C SER B 227 -3.16 -15.60 -9.19
N THR B 228 -2.26 -15.33 -10.09
CA THR B 228 -2.53 -14.39 -11.15
C THR B 228 -3.00 -15.11 -12.42
N ASN B 229 -3.28 -16.43 -12.39
CA ASN B 229 -4.08 -17.08 -13.48
C ASN B 229 -5.57 -16.93 -13.23
CA CA C . -13.65 -0.88 -15.93
CA CA D . -17.75 -0.68 -16.03
C1 NGA E . -25.77 1.36 -19.52
C2 NGA E . -24.44 1.99 -19.12
C3 NGA E . -23.73 1.16 -18.08
C4 NGA E . -24.66 1.02 -16.85
C5 NGA E . -26.00 0.54 -17.40
C6 NGA E . -27.01 0.46 -16.27
C7 NGA E . -22.77 3.16 -20.51
C8 NGA E . -21.94 3.20 -21.74
N2 NGA E . -23.54 2.14 -20.31
O1 NGA E . -26.46 2.18 -20.44
O3 NGA E . -22.44 1.64 -17.77
O4 NGA E . -24.85 2.29 -16.25
O5 NGA E . -26.64 1.34 -18.38
O6 NGA E . -28.31 -0.01 -16.69
O7 NGA E . -22.70 4.11 -19.75
C1 EDO F . -23.34 -6.02 -17.17
O1 EDO F . -23.88 -6.42 -15.82
C2 EDO F . -22.61 -7.07 -18.11
O2 EDO F . -22.82 -8.47 -17.84
C1 EDO G . 4.41 10.93 0.99
O1 EDO G . 4.19 11.21 2.39
C2 EDO G . 5.19 9.72 0.67
O2 EDO G . 6.47 10.13 1.02
C1 EDO H . -22.87 15.34 -19.06
O1 EDO H . -23.15 14.01 -18.62
C2 EDO H . -21.44 15.45 -19.56
O2 EDO H . -21.24 14.42 -20.54
C1 EDO I . -8.13 18.82 6.44
O1 EDO I . -6.73 18.67 6.83
C2 EDO I . -8.67 20.20 6.09
O2 EDO I . -8.18 20.74 4.84
CA CA J . 20.67 0.03 5.01
CA CA K . 22.62 0.11 8.68
O5 A2G L . 28.44 -1.77 15.86
C1 A2G L . 29.12 -2.19 14.65
O1 A2G L . 29.92 -1.14 14.14
C2 A2G L . 28.14 -2.58 13.52
N2 A2G L . 28.86 -2.85 12.30
C3 A2G L . 26.98 -1.54 13.32
O3 A2G L . 26.07 -2.16 12.37
C4 A2G L . 26.36 -1.26 14.70
O4 A2G L . 25.76 -2.41 15.25
C5 A2G L . 27.43 -0.74 15.61
C6 A2G L . 26.91 -0.26 16.96
O6 A2G L . 28.03 0.08 17.81
C7 A2G L . 28.68 -3.92 11.56
O7 A2G L . 27.87 -4.81 11.89
C8 A2G L . 29.46 -4.05 10.30
C1 EDO M . -3.39 -10.45 -2.29
O1 EDO M . -4.54 -11.01 -1.64
C2 EDO M . -3.18 -10.36 -3.78
O2 EDO M . -4.50 -10.30 -4.43
C1 EDO N . 10.33 -23.44 16.91
O1 EDO N . 9.75 -24.48 16.12
C2 EDO N . 9.47 -22.36 16.76
O2 EDO N . 9.85 -21.34 17.56
#